data_6SPZ
#
_entry.id   6SPZ
#
_cell.length_a   50.500
_cell.length_b   50.500
_cell.length_c   176.370
_cell.angle_alpha   90.000
_cell.angle_beta   90.000
_cell.angle_gamma   90.000
#
_symmetry.space_group_name_H-M   'I 41'
#
loop_
_entity.id
_entity.type
_entity.pdbx_description
1 polymer 'Disks large homolog 4'
2 polymer ARG-ARG-GLU-SER-GLU-ILE
3 non-polymer GLUTATHIONE
4 water water
#
loop_
_entity_poly.entity_id
_entity_poly.type
_entity_poly.pdbx_seq_one_letter_code
_entity_poly.pdbx_strand_id
1 'polypeptide(L)'
;GPNGTEGEMEYEEITLERGNSGLGFSIAGGTDNPHIGDDPSIFITKIIPGGAAAQDGRLRVNDSILFVNEVDVREVTHSA
AVEALKEAGSIVRLYVMRRKPPAEKVMEIKLIKGPKGLGFSIAGGVGNQHIPGDNSIYVTKIIEGGAAHKDGRLQIGDKI
LAVNSVGLEDVMHEDAVAALKNTYDVVYLKVAKPSNA
;
A
2 'polypeptide(L)' RRESEI P,Q
#
# COMPACT_ATOMS: atom_id res chain seq x y z
N GLU A 6 -11.95 -11.87 4.51
CA GLU A 6 -11.59 -11.96 3.05
C GLU A 6 -12.88 -12.01 2.22
N GLY A 7 -13.07 -11.01 1.37
CA GLY A 7 -14.26 -10.92 0.52
C GLY A 7 -15.45 -10.23 1.17
N GLU A 8 -15.47 -10.18 2.50
CA GLU A 8 -16.52 -9.51 3.25
C GLU A 8 -16.31 -7.99 3.34
N MET A 9 -17.39 -7.24 3.51
CA MET A 9 -17.33 -5.80 3.64
C MET A 9 -16.78 -5.39 5.00
N GLU A 10 -15.92 -4.38 5.00
CA GLU A 10 -15.56 -3.70 6.23
C GLU A 10 -15.69 -2.20 6.04
N TYR A 11 -15.92 -1.51 7.14
CA TYR A 11 -16.22 -0.09 7.15
C TYR A 11 -15.22 0.66 8.01
N GLU A 12 -14.73 1.79 7.53
CA GLU A 12 -13.71 2.49 8.27
C GLU A 12 -13.85 4.00 8.18
N GLU A 13 -13.64 4.66 9.33
CA GLU A 13 -13.50 6.12 9.39
C GLU A 13 -12.03 6.48 9.17
N ILE A 14 -11.77 7.32 8.17
CA ILE A 14 -10.41 7.83 7.89
C ILE A 14 -10.46 9.36 7.79
N THR A 15 -9.75 10.03 8.69
CA THR A 15 -9.62 11.48 8.67
C THR A 15 -8.29 11.82 8.02
N LEU A 16 -8.32 12.69 7.01
CA LEU A 16 -7.11 13.12 6.32
C LEU A 16 -6.93 14.63 6.45
N GLU A 17 -5.68 15.09 6.54
CA GLU A 17 -5.36 16.50 6.51
C GLU A 17 -4.93 16.85 5.09
N ARG A 18 -5.62 17.80 4.48
CA ARG A 18 -5.32 18.26 3.12
C ARG A 18 -3.91 18.84 3.06
N GLY A 19 -3.12 18.36 2.10
CA GLY A 19 -1.79 18.93 1.81
C GLY A 19 -1.85 19.93 0.67
N ASN A 20 -0.70 20.45 0.26
CA ASN A 20 -0.66 21.42 -0.85
C ASN A 20 -1.27 20.87 -2.14
N SER A 21 -1.04 19.60 -2.41
CA SER A 21 -1.54 18.94 -3.62
C SER A 21 -2.92 18.28 -3.44
N GLY A 22 -3.62 18.66 -2.37
CA GLY A 22 -4.96 18.14 -2.09
C GLY A 22 -4.90 16.94 -1.16
N LEU A 23 -5.86 16.03 -1.30
CA LEU A 23 -5.93 14.87 -0.43
C LEU A 23 -5.06 13.71 -0.92
N GLY A 24 -4.67 13.75 -2.20
CA GLY A 24 -3.73 12.76 -2.75
C GLY A 24 -4.35 11.44 -3.19
N PHE A 25 -5.51 11.50 -3.82
CA PHE A 25 -6.12 10.31 -4.41
C PHE A 25 -7.03 10.69 -5.56
N SER A 26 -7.36 9.72 -6.42
CA SER A 26 -8.30 9.92 -7.52
C SER A 26 -9.57 9.09 -7.31
N ILE A 27 -10.68 9.58 -7.84
CA ILE A 27 -11.97 8.87 -7.74
C ILE A 27 -12.63 8.61 -9.10
N ALA A 28 -13.42 7.55 -9.15
CA ALA A 28 -14.30 7.28 -10.28
C ALA A 28 -15.68 6.94 -9.73
N GLY A 29 -16.67 6.92 -10.60
CA GLY A 29 -18.02 6.53 -10.20
C GLY A 29 -19.03 7.66 -10.14
N GLY A 30 -20.16 7.39 -9.50
CA GLY A 30 -21.29 8.32 -9.45
C GLY A 30 -22.50 7.73 -10.15
N THR A 31 -23.64 8.38 -9.94
CA THR A 31 -24.91 7.97 -10.57
C THR A 31 -24.91 8.16 -12.09
N ASP A 32 -24.07 9.08 -12.57
CA ASP A 32 -23.95 9.37 -14.00
C ASP A 32 -22.69 8.78 -14.66
N ASN A 33 -21.83 8.16 -13.85
CA ASN A 33 -20.61 7.51 -14.35
C ASN A 33 -20.36 6.18 -13.62
N PRO A 34 -21.35 5.27 -13.62
CA PRO A 34 -21.17 4.08 -12.80
C PRO A 34 -20.21 3.07 -13.42
N HIS A 35 -19.06 2.87 -12.77
CA HIS A 35 -18.12 1.82 -13.18
C HIS A 35 -18.40 0.57 -12.36
N ILE A 36 -18.42 -0.59 -13.04
CA ILE A 36 -18.92 -1.86 -12.49
C ILE A 36 -20.45 -1.82 -12.42
N GLY A 37 -21.08 -2.57 -13.32
CA GLY A 37 -22.55 -2.69 -13.39
C GLY A 37 -23.30 -1.37 -13.26
N ASP A 38 -24.30 -1.37 -12.39
CA ASP A 38 -25.12 -0.18 -12.11
C ASP A 38 -24.85 0.40 -10.71
N ASP A 39 -23.72 0.02 -10.13
CA ASP A 39 -23.28 0.53 -8.82
C ASP A 39 -22.84 1.99 -8.96
N PRO A 40 -23.61 2.93 -8.34
CA PRO A 40 -23.25 4.35 -8.46
C PRO A 40 -22.14 4.81 -7.50
N SER A 41 -21.54 3.90 -6.75
CA SER A 41 -20.56 4.27 -5.69
C SER A 41 -19.37 5.07 -6.22
N ILE A 42 -18.88 5.98 -5.39
CA ILE A 42 -17.65 6.69 -5.61
C ILE A 42 -16.54 5.77 -5.12
N PHE A 43 -15.58 5.47 -5.98
N PHE A 43 -15.56 5.45 -5.95
CA PHE A 43 -14.46 4.56 -5.68
CA PHE A 43 -14.48 4.57 -5.50
C PHE A 43 -13.12 5.29 -5.73
C PHE A 43 -13.09 5.08 -5.87
N ILE A 44 -12.14 4.81 -4.97
CA ILE A 44 -10.76 5.29 -5.12
C ILE A 44 -10.09 4.50 -6.25
N THR A 45 -9.52 5.21 -7.23
CA THR A 45 -8.84 4.55 -8.34
C THR A 45 -7.30 4.62 -8.27
N LYS A 46 -6.78 5.52 -7.44
CA LYS A 46 -5.34 5.78 -7.38
C LYS A 46 -5.00 6.53 -6.10
N ILE A 47 -3.86 6.17 -5.50
CA ILE A 47 -3.34 6.87 -4.35
C ILE A 47 -2.06 7.55 -4.81
N ILE A 48 -2.00 8.88 -4.67
CA ILE A 48 -0.87 9.66 -5.20
C ILE A 48 0.38 9.50 -4.33
N PRO A 49 1.50 9.04 -4.91
CA PRO A 49 2.76 8.86 -4.16
C PRO A 49 3.15 10.14 -3.42
N GLY A 50 3.50 10.00 -2.14
CA GLY A 50 3.91 11.14 -1.32
C GLY A 50 2.80 12.06 -0.85
N GLY A 51 1.57 11.80 -1.29
CA GLY A 51 0.42 12.63 -0.89
C GLY A 51 -0.10 12.32 0.50
N ALA A 52 -1.17 13.00 0.91
CA ALA A 52 -1.73 12.88 2.26
C ALA A 52 -2.32 11.48 2.50
N ALA A 53 -3.06 10.96 1.54
CA ALA A 53 -3.63 9.61 1.68
C ALA A 53 -2.53 8.54 1.73
N ALA A 54 -1.47 8.71 0.94
CA ALA A 54 -0.35 7.75 0.93
C ALA A 54 0.43 7.74 2.24
N GLN A 55 0.70 8.92 2.78
CA GLN A 55 1.40 9.05 4.08
C GLN A 55 0.57 8.49 5.23
N ASP A 56 -0.74 8.68 5.15
CA ASP A 56 -1.66 8.19 6.18
C ASP A 56 -1.72 6.67 6.16
N GLY A 57 -1.80 6.10 4.96
CA GLY A 57 -1.67 4.65 4.75
C GLY A 57 -2.91 3.78 4.93
N ARG A 58 -4.05 4.39 5.24
CA ARG A 58 -5.27 3.61 5.51
C ARG A 58 -6.16 3.46 4.28
N LEU A 59 -6.22 4.50 3.46
CA LEU A 59 -7.05 4.46 2.25
C LEU A 59 -6.43 3.56 1.18
N ARG A 60 -7.28 2.81 0.49
CA ARG A 60 -6.85 1.78 -0.46
C ARG A 60 -7.60 1.95 -1.78
N VAL A 61 -6.93 1.60 -2.88
CA VAL A 61 -7.57 1.56 -4.20
C VAL A 61 -8.76 0.62 -4.10
N ASN A 62 -9.87 1.00 -4.74
CA ASN A 62 -11.15 0.27 -4.70
C ASN A 62 -12.01 0.47 -3.45
N ASP A 63 -11.55 1.24 -2.47
CA ASP A 63 -12.42 1.67 -1.35
C ASP A 63 -13.56 2.49 -1.90
N SER A 64 -14.77 2.27 -1.41
CA SER A 64 -15.92 3.17 -1.73
C SER A 64 -16.11 4.22 -0.65
N ILE A 65 -16.13 5.50 -1.02
CA ILE A 65 -16.43 6.59 -0.08
C ILE A 65 -17.95 6.69 0.10
N LEU A 66 -18.39 6.57 1.35
CA LEU A 66 -19.83 6.63 1.68
C LEU A 66 -20.26 8.01 2.16
N PHE A 67 -19.41 8.63 2.99
CA PHE A 67 -19.65 9.97 3.54
C PHE A 67 -18.38 10.80 3.50
N VAL A 68 -18.55 12.09 3.23
CA VAL A 68 -17.47 13.07 3.35
C VAL A 68 -18.00 14.07 4.37
N ASN A 69 -17.36 14.13 5.54
CA ASN A 69 -17.92 14.83 6.69
C ASN A 69 -19.40 14.46 6.85
N GLU A 70 -20.28 15.46 6.77
CA GLU A 70 -21.72 15.21 6.99
C GLU A 70 -22.50 15.00 5.69
N VAL A 71 -21.77 14.88 4.56
CA VAL A 71 -22.40 14.74 3.24
C VAL A 71 -22.47 13.26 2.86
N ASP A 72 -23.66 12.82 2.46
CA ASP A 72 -23.89 11.44 2.02
C ASP A 72 -23.55 11.34 0.54
N VAL A 73 -22.52 10.57 0.20
CA VAL A 73 -22.10 10.46 -1.21
C VAL A 73 -22.33 9.04 -1.75
N ARG A 74 -23.27 8.31 -1.14
CA ARG A 74 -23.61 6.96 -1.59
C ARG A 74 -24.30 6.92 -2.95
N GLU A 75 -25.05 7.96 -3.27
CA GLU A 75 -25.79 8.02 -4.53
C GLU A 75 -25.81 9.46 -5.01
N VAL A 76 -24.65 9.91 -5.49
CA VAL A 76 -24.52 11.29 -5.98
C VAL A 76 -23.86 11.24 -7.36
N THR A 77 -23.95 12.35 -8.11
CA THR A 77 -23.22 12.48 -9.36
C THR A 77 -21.71 12.53 -9.11
N HIS A 78 -20.94 12.22 -10.15
CA HIS A 78 -19.50 12.36 -10.08
C HIS A 78 -19.08 13.76 -9.64
N SER A 79 -19.67 14.79 -10.26
N SER A 79 -19.67 14.79 -10.27
CA SER A 79 -19.34 16.18 -9.94
CA SER A 79 -19.36 16.19 -9.96
C SER A 79 -19.68 16.56 -8.49
C SER A 79 -19.70 16.59 -8.52
N ALA A 80 -20.80 16.06 -7.98
CA ALA A 80 -21.22 16.32 -6.60
C ALA A 80 -20.22 15.77 -5.59
N ALA A 81 -19.66 14.58 -5.88
CA ALA A 81 -18.64 13.98 -5.05
C ALA A 81 -17.37 14.83 -5.06
N VAL A 82 -16.92 15.20 -6.25
CA VAL A 82 -15.75 16.06 -6.40
C VAL A 82 -15.90 17.35 -5.59
N GLU A 83 -17.05 18.01 -5.77
CA GLU A 83 -17.40 19.23 -5.05
C GLU A 83 -17.40 19.02 -3.53
N ALA A 84 -18.03 17.95 -3.08
CA ALA A 84 -18.08 17.63 -1.65
C ALA A 84 -16.67 17.45 -1.06
N LEU A 85 -15.76 16.85 -1.83
CA LEU A 85 -14.39 16.65 -1.38
C LEU A 85 -13.59 17.95 -1.42
N LYS A 86 -13.83 18.76 -2.44
CA LYS A 86 -13.19 20.07 -2.58
C LYS A 86 -13.60 21.04 -1.48
N GLU A 87 -14.88 21.01 -1.10
CA GLU A 87 -15.46 21.92 -0.10
C GLU A 87 -15.34 21.43 1.34
N ALA A 88 -14.70 20.27 1.53
CA ALA A 88 -14.70 19.59 2.82
C ALA A 88 -13.76 20.18 3.88
N GLY A 89 -12.97 21.17 3.49
CA GLY A 89 -12.07 21.86 4.44
C GLY A 89 -10.70 21.21 4.52
N SER A 90 -9.91 21.63 5.51
CA SER A 90 -8.54 21.14 5.63
C SER A 90 -8.46 19.79 6.36
N ILE A 91 -9.47 19.49 7.19
CA ILE A 91 -9.56 18.22 7.90
C ILE A 91 -10.78 17.48 7.37
N VAL A 92 -10.55 16.41 6.61
CA VAL A 92 -11.62 15.74 5.90
C VAL A 92 -11.91 14.37 6.52
N ARG A 93 -13.14 14.18 6.99
CA ARG A 93 -13.53 12.93 7.64
C ARG A 93 -14.28 12.05 6.64
N LEU A 94 -13.62 10.97 6.23
CA LEU A 94 -14.18 10.03 5.27
C LEU A 94 -14.68 8.80 5.98
N TYR A 95 -15.79 8.28 5.51
CA TYR A 95 -16.29 7.00 5.96
C TYR A 95 -16.32 6.14 4.71
N VAL A 96 -15.52 5.08 4.70
CA VAL A 96 -15.35 4.25 3.52
C VAL A 96 -15.75 2.78 3.75
N MET A 97 -15.90 2.07 2.64
CA MET A 97 -16.26 0.66 2.66
C MET A 97 -15.33 -0.06 1.67
N ARG A 98 -14.90 -1.25 2.02
CA ARG A 98 -14.05 -2.04 1.12
C ARG A 98 -14.35 -3.51 1.30
N ARG A 99 -14.03 -4.32 0.30
CA ARG A 99 -14.07 -5.77 0.44
C ARG A 99 -12.71 -6.16 1.02
N LYS A 100 -12.71 -6.92 2.12
CA LYS A 100 -11.46 -7.43 2.69
C LYS A 100 -10.66 -8.18 1.62
N PRO A 101 -9.37 -7.84 1.47
CA PRO A 101 -8.50 -8.55 0.55
C PRO A 101 -8.24 -10.00 1.01
N PRO A 102 -7.75 -10.88 0.12
CA PRO A 102 -7.40 -12.23 0.54
C PRO A 102 -6.24 -12.21 1.54
N ALA A 103 -6.30 -13.08 2.55
CA ALA A 103 -5.29 -13.09 3.62
C ALA A 103 -3.93 -13.54 3.11
N GLU A 104 -2.89 -13.00 3.71
CA GLU A 104 -1.52 -13.35 3.35
C GLU A 104 -1.03 -14.50 4.20
N LYS A 105 -0.24 -15.39 3.61
CA LYS A 105 0.41 -16.46 4.34
C LYS A 105 1.72 -15.93 4.97
N VAL A 106 1.83 -16.04 6.28
CA VAL A 106 3.07 -15.74 6.98
C VAL A 106 3.92 -17.01 7.02
N MET A 107 5.17 -16.85 6.67
CA MET A 107 6.09 -17.95 6.48
C MET A 107 7.44 -17.60 7.09
N GLU A 108 8.09 -18.58 7.70
CA GLU A 108 9.46 -18.44 8.18
C GLU A 108 10.42 -19.15 7.24
N ILE A 109 11.49 -18.44 6.85
CA ILE A 109 12.47 -18.93 5.88
C ILE A 109 13.88 -18.80 6.47
N LYS A 110 14.61 -19.90 6.48
CA LYS A 110 15.99 -19.95 6.95
C LYS A 110 16.88 -20.00 5.72
N LEU A 111 17.76 -19.01 5.58
CA LEU A 111 18.69 -18.99 4.46
C LEU A 111 20.14 -18.97 4.95
N ILE A 112 20.99 -19.72 4.25
CA ILE A 112 22.43 -19.69 4.48
C ILE A 112 23.05 -18.80 3.41
N LYS A 113 23.81 -17.80 3.82
CA LYS A 113 24.42 -16.86 2.89
C LYS A 113 25.40 -17.56 1.96
N GLY A 114 25.45 -17.11 0.71
CA GLY A 114 26.49 -17.54 -0.22
C GLY A 114 27.60 -16.50 -0.25
N PRO A 115 28.55 -16.64 -1.18
CA PRO A 115 29.62 -15.64 -1.29
C PRO A 115 29.10 -14.22 -1.61
N LYS A 116 27.88 -14.10 -2.13
CA LYS A 116 27.32 -12.78 -2.45
C LYS A 116 26.09 -12.40 -1.61
N GLY A 117 25.97 -13.03 -0.44
CA GLY A 117 24.91 -12.72 0.51
C GLY A 117 23.71 -13.62 0.34
N LEU A 118 22.53 -13.06 0.56
CA LEU A 118 21.29 -13.85 0.55
C LEU A 118 20.70 -13.98 -0.86
N GLY A 119 21.14 -13.11 -1.77
CA GLY A 119 20.70 -13.16 -3.17
C GLY A 119 19.31 -12.61 -3.45
N PHE A 120 18.91 -11.55 -2.78
CA PHE A 120 17.70 -10.84 -3.17
C PHE A 120 17.84 -9.34 -2.98
N SER A 121 16.96 -8.58 -3.64
CA SER A 121 16.92 -7.14 -3.48
C SER A 121 15.61 -6.72 -2.83
N ILE A 122 15.64 -5.63 -2.06
CA ILE A 122 14.44 -5.09 -1.42
C ILE A 122 14.14 -3.66 -1.83
N ALA A 123 12.87 -3.27 -1.67
CA ALA A 123 12.42 -1.90 -1.87
C ALA A 123 11.36 -1.58 -0.82
N GLY A 124 11.08 -0.29 -0.66
CA GLY A 124 10.05 0.15 0.29
C GLY A 124 10.65 0.77 1.54
N GLY A 125 9.78 1.03 2.51
CA GLY A 125 10.15 1.76 3.72
C GLY A 125 9.42 3.08 3.81
N VAL A 126 9.50 3.70 4.99
CA VAL A 126 8.90 5.00 5.25
C VAL A 126 9.61 6.08 4.42
N GLY A 127 8.84 6.79 3.60
CA GLY A 127 9.38 7.83 2.71
C GLY A 127 9.84 7.31 1.36
N ASN A 128 9.96 6.00 1.24
CA ASN A 128 10.25 5.33 -0.03
C ASN A 128 9.25 4.21 -0.29
N GLN A 129 7.96 4.53 -0.19
CA GLN A 129 6.92 3.52 -0.36
C GLN A 129 7.01 2.80 -1.71
N HIS A 130 7.08 1.48 -1.68
CA HIS A 130 7.10 0.66 -2.90
C HIS A 130 5.71 0.64 -3.56
N ILE A 131 4.67 0.72 -2.74
CA ILE A 131 3.29 0.86 -3.19
C ILE A 131 2.70 2.04 -2.41
N PRO A 132 2.12 3.04 -3.11
CA PRO A 132 1.62 4.21 -2.38
C PRO A 132 0.64 3.81 -1.28
N GLY A 133 0.92 4.21 -0.04
CA GLY A 133 0.08 3.89 1.12
C GLY A 133 0.64 2.75 1.95
N ASP A 134 1.74 2.18 1.50
CA ASP A 134 2.29 0.97 2.10
C ASP A 134 3.76 1.18 2.43
N ASN A 135 4.11 1.10 3.71
CA ASN A 135 5.48 1.28 4.19
C ASN A 135 6.33 0.00 4.24
N SER A 136 5.76 -1.12 3.81
CA SER A 136 6.41 -2.44 3.94
C SER A 136 7.64 -2.62 3.06
N ILE A 137 8.53 -3.50 3.51
CA ILE A 137 9.72 -3.88 2.77
C ILE A 137 9.33 -5.02 1.83
N TYR A 138 9.59 -4.83 0.54
CA TYR A 138 9.21 -5.80 -0.48
C TYR A 138 10.44 -6.40 -1.17
N VAL A 139 10.37 -7.68 -1.49
CA VAL A 139 11.36 -8.32 -2.34
C VAL A 139 11.06 -7.91 -3.78
N THR A 140 12.06 -7.33 -4.46
CA THR A 140 11.90 -6.87 -5.83
C THR A 140 12.71 -7.68 -6.85
N LYS A 141 13.67 -8.46 -6.37
CA LYS A 141 14.55 -9.21 -7.25
C LYS A 141 15.12 -10.41 -6.50
N ILE A 142 15.19 -11.55 -7.18
CA ILE A 142 15.91 -12.71 -6.65
C ILE A 142 17.02 -13.07 -7.64
N ILE A 143 18.24 -13.18 -7.13
CA ILE A 143 19.41 -13.46 -7.95
C ILE A 143 19.43 -14.91 -8.38
N GLU A 144 19.46 -15.14 -9.68
CA GLU A 144 19.61 -16.48 -10.24
C GLU A 144 20.82 -17.15 -9.59
N GLY A 145 20.60 -18.33 -9.00
CA GLY A 145 21.70 -19.11 -8.42
C GLY A 145 22.15 -18.71 -7.03
N GLY A 146 21.55 -17.64 -6.48
CA GLY A 146 21.86 -17.19 -5.13
C GLY A 146 21.08 -18.00 -4.12
N ALA A 147 21.35 -17.75 -2.84
CA ALA A 147 20.77 -18.55 -1.74
C ALA A 147 19.25 -18.54 -1.74
N ALA A 148 18.63 -17.37 -1.94
CA ALA A 148 17.16 -17.29 -1.93
C ALA A 148 16.56 -18.12 -3.06
N HIS A 149 17.19 -18.05 -4.24
CA HIS A 149 16.77 -18.82 -5.41
C HIS A 149 16.85 -20.32 -5.14
N LYS A 150 18.01 -20.78 -4.70
CA LYS A 150 18.26 -22.21 -4.43
C LYS A 150 17.26 -22.79 -3.43
N ASP A 151 16.99 -22.04 -2.36
CA ASP A 151 16.01 -22.42 -1.36
C ASP A 151 14.62 -22.55 -2.01
N GLY A 152 14.30 -21.62 -2.91
CA GLY A 152 13.09 -21.73 -3.72
C GLY A 152 11.81 -21.19 -3.11
N ARG A 153 11.85 -20.75 -1.86
CA ARG A 153 10.60 -20.32 -1.17
C ARG A 153 10.29 -18.83 -1.36
N LEU A 154 11.31 -17.99 -1.29
CA LEU A 154 11.14 -16.55 -1.43
C LEU A 154 10.82 -16.19 -2.87
N GLN A 155 9.92 -15.21 -3.05
CA GLN A 155 9.50 -14.78 -4.38
C GLN A 155 9.37 -13.26 -4.46
N ILE A 156 9.47 -12.74 -5.68
CA ILE A 156 9.21 -11.32 -5.95
C ILE A 156 7.83 -10.95 -5.43
N GLY A 157 7.76 -9.84 -4.70
CA GLY A 157 6.48 -9.35 -4.18
C GLY A 157 6.20 -9.84 -2.78
N ASP A 158 7.10 -10.67 -2.26
CA ASP A 158 7.05 -11.03 -0.85
C ASP A 158 7.41 -9.83 0.00
N LYS A 159 6.78 -9.76 1.17
CA LYS A 159 7.00 -8.70 2.11
C LYS A 159 7.91 -9.27 3.21
N ILE A 160 8.96 -8.55 3.58
CA ILE A 160 9.81 -9.00 4.69
C ILE A 160 9.30 -8.36 5.98
N LEU A 161 8.80 -9.19 6.89
CA LEU A 161 8.21 -8.73 8.14
C LEU A 161 9.23 -8.57 9.26
N ALA A 162 10.25 -9.44 9.26
CA ALA A 162 11.24 -9.49 10.34
C ALA A 162 12.48 -10.22 9.87
N VAL A 163 13.61 -9.82 10.42
CA VAL A 163 14.86 -10.55 10.22
C VAL A 163 15.43 -10.92 11.58
N ASN A 164 15.60 -12.24 11.79
CA ASN A 164 15.88 -12.78 13.10
C ASN A 164 14.85 -12.22 14.09
N SER A 165 15.27 -11.53 15.15
CA SER A 165 14.29 -11.01 16.11
C SER A 165 13.89 -9.54 15.87
N VAL A 166 14.31 -8.97 14.74
CA VAL A 166 14.09 -7.55 14.50
C VAL A 166 12.95 -7.30 13.50
N GLY A 167 11.88 -6.66 13.98
CA GLY A 167 10.73 -6.32 13.15
C GLY A 167 11.04 -5.23 12.13
N LEU A 168 10.47 -5.35 10.94
CA LEU A 168 10.65 -4.34 9.90
C LEU A 168 9.36 -3.62 9.59
N GLU A 169 8.49 -3.49 10.59
CA GLU A 169 7.24 -2.75 10.45
C GLU A 169 7.48 -1.25 10.60
N ASP A 170 7.03 -0.50 9.61
CA ASP A 170 7.18 0.97 9.57
C ASP A 170 8.59 1.46 9.87
N VAL A 171 9.58 0.94 9.15
CA VAL A 171 10.96 1.37 9.30
C VAL A 171 11.43 2.10 8.03
N MET A 172 12.47 2.90 8.15
CA MET A 172 13.10 3.53 6.99
C MET A 172 13.86 2.47 6.18
N HIS A 173 14.02 2.72 4.88
CA HIS A 173 14.70 1.78 3.98
C HIS A 173 16.11 1.44 4.45
N GLU A 174 16.86 2.45 4.91
CA GLU A 174 18.25 2.28 5.37
C GLU A 174 18.37 1.40 6.61
N ASP A 175 17.35 1.46 7.48
CA ASP A 175 17.32 0.63 8.68
C ASP A 175 16.98 -0.82 8.35
N ALA A 176 16.09 -1.01 7.37
CA ALA A 176 15.81 -2.34 6.84
C ALA A 176 17.07 -3.02 6.27
N VAL A 177 17.88 -2.25 5.53
CA VAL A 177 19.15 -2.74 4.97
C VAL A 177 20.16 -3.06 6.08
N ALA A 178 20.35 -2.12 7.01
CA ALA A 178 21.19 -2.35 8.20
C ALA A 178 20.81 -3.65 8.94
N ALA A 179 19.53 -3.81 9.26
CA ALA A 179 19.06 -5.02 9.95
C ALA A 179 19.35 -6.31 9.18
N LEU A 180 19.22 -6.25 7.85
CA LEU A 180 19.45 -7.43 7.01
C LEU A 180 20.92 -7.75 6.82
N LYS A 181 21.77 -6.76 7.02
CA LYS A 181 23.22 -6.92 6.90
C LYS A 181 23.89 -7.14 8.24
N ASN A 182 23.24 -6.73 9.33
CA ASN A 182 23.73 -7.02 10.67
C ASN A 182 23.33 -8.46 11.10
N THR A 183 23.84 -9.44 10.38
CA THR A 183 23.46 -10.84 10.58
C THR A 183 24.69 -11.74 10.50
N TYR A 184 24.56 -12.94 11.06
CA TYR A 184 25.56 -13.99 10.86
C TYR A 184 25.30 -14.68 9.50
N ASP A 185 25.94 -15.81 9.25
CA ASP A 185 25.82 -16.48 7.96
C ASP A 185 24.47 -17.16 7.73
N VAL A 186 23.85 -17.64 8.80
CA VAL A 186 22.52 -18.21 8.72
C VAL A 186 21.53 -17.14 9.16
N VAL A 187 20.53 -16.86 8.31
CA VAL A 187 19.56 -15.79 8.58
C VAL A 187 18.13 -16.35 8.59
N TYR A 188 17.34 -15.93 9.58
CA TYR A 188 15.95 -16.31 9.68
C TYR A 188 15.04 -15.14 9.30
N LEU A 189 14.21 -15.34 8.27
CA LEU A 189 13.33 -14.30 7.79
C LEU A 189 11.86 -14.64 8.04
N LYS A 190 11.10 -13.65 8.50
CA LYS A 190 9.64 -13.76 8.55
C LYS A 190 9.08 -13.04 7.31
N VAL A 191 8.25 -13.74 6.55
CA VAL A 191 7.84 -13.29 5.23
C VAL A 191 6.32 -13.40 5.04
N ALA A 192 5.75 -12.41 4.36
CA ALA A 192 4.33 -12.42 4.02
C ALA A 192 4.17 -12.66 2.52
N LYS A 193 3.52 -13.77 2.18
CA LYS A 193 3.21 -14.11 0.79
C LYS A 193 1.74 -13.85 0.47
N PRO A 194 1.45 -13.35 -0.75
CA PRO A 194 0.06 -13.24 -1.18
C PRO A 194 -0.52 -14.60 -1.57
N ARG B 1 -13.15 5.47 -18.52
CA ARG B 1 -13.79 5.88 -17.24
C ARG B 1 -13.42 7.31 -16.85
N ARG B 2 -14.40 8.06 -16.34
CA ARG B 2 -14.14 9.38 -15.80
C ARG B 2 -13.45 9.30 -14.44
N GLU B 3 -12.33 10.01 -14.32
CA GLU B 3 -11.50 9.98 -13.14
C GLU B 3 -11.12 11.41 -12.77
N SER B 4 -11.27 11.76 -11.50
CA SER B 4 -10.93 13.11 -11.04
C SER B 4 -9.85 13.11 -9.96
N GLU B 5 -8.94 14.08 -10.05
N GLU B 5 -9.01 14.15 -10.02
CA GLU B 5 -7.87 14.25 -9.07
CA GLU B 5 -7.78 14.34 -9.22
C GLU B 5 -8.39 14.95 -7.83
C GLU B 5 -6.58 13.44 -9.58
N ILE B 6 -8.22 14.34 -6.65
N ILE B 6 -6.14 13.54 -10.84
CA ILE B 6 -8.73 14.90 -5.40
CA ILE B 6 -4.92 12.89 -11.31
C ILE B 6 -7.60 15.33 -4.45
C ILE B 6 -5.08 11.41 -11.63
N ARG C 1 11.67 6.32 -3.90
CA ARG C 1 11.84 4.83 -3.90
C ARG C 1 13.31 4.44 -4.01
N ARG C 2 13.69 3.40 -3.27
CA ARG C 2 15.05 2.86 -3.33
C ARG C 2 15.03 1.37 -3.61
N GLU C 3 16.17 0.83 -4.02
CA GLU C 3 16.32 -0.61 -4.17
C GLU C 3 17.73 -1.03 -3.72
N SER C 4 17.80 -2.00 -2.82
CA SER C 4 19.09 -2.38 -2.24
C SER C 4 19.39 -3.88 -2.29
N GLU C 5 20.67 -4.22 -2.37
N GLU C 5 20.68 -4.18 -2.22
CA GLU C 5 21.12 -5.61 -2.53
CA GLU C 5 21.33 -5.51 -2.25
C GLU C 5 21.40 -6.26 -1.18
C GLU C 5 21.44 -6.28 -3.55
N ILE C 6 20.88 -7.48 -0.99
N ILE C 6 22.50 -5.98 -4.30
CA ILE C 6 21.08 -8.22 0.25
CA ILE C 6 22.74 -6.57 -5.61
C ILE C 6 21.68 -9.61 0.01
C ILE C 6 21.47 -6.59 -6.45
#